data_3OR3
#
_entry.id   3OR3
#
_cell.length_a   65.395
_cell.length_b   65.395
_cell.length_c   221.783
_cell.angle_alpha   90.00
_cell.angle_beta   90.00
_cell.angle_gamma   90.00
#
_symmetry.space_group_name_H-M   'P 41 21 2'
#
loop_
_entity.id
_entity.type
_entity.pdbx_description
1 polymer 'RESTRICTION ENDONUCLEASE HPY188I'
2 polymer "5'-D(*GP*AP*TP*CP*T)-3'"
3 polymer "5'-D(*GP*TP*TP*CP*A)-3'"
4 polymer "5'-D(P*GP*AP*AP*C)-3'"
5 polymer "5'-D(P*GP*AP*TP*C)-3'"
6 non-polymer 'CALCIUM ION'
7 non-polymer 'CHLORIDE ION'
8 water water
#
loop_
_entity_poly.entity_id
_entity_poly.type
_entity_poly.pdbx_seq_one_letter_code
_entity_poly.pdbx_strand_id
1 'polypeptide(L)'
;MGHHHHHHEFMAKRKSDIILKSVDDLKDEIDYKDFEYKEYFNLLCELVPNNSLEKLEINAIDEKN(MSE)KNEGLVYVFV
IQGKIFKIGHSITPITKRVQSYNCGKVEYRKNGTCSTTNYFVLQSLLKINKIVQVYAFFPEQPTYTLFGKTYQDSFSTSK
RAENVILENFIKNHNKKPIGCTQT
;
A,B
2 'polydeoxyribonucleotide' (DG)(DA)(DT)(DC)(DT) C
3 'polydeoxyribonucleotide' (DG)(DT)(DT)(DC)(DA) D
4 'polydeoxyribonucleotide' (DG)(DA)(DA)(DC) E
5 'polydeoxyribonucleotide' (DG)(DA)(DT)(DC) F
#
# COMPACT_ATOMS: atom_id res chain seq x y z
N HIS A 8 20.78 -16.04 -13.13
CA HIS A 8 21.26 -14.66 -13.47
C HIS A 8 22.72 -14.54 -13.04
N GLU A 9 23.38 -13.42 -13.30
CA GLU A 9 24.85 -13.33 -13.05
C GLU A 9 25.28 -12.22 -12.11
N PHE A 10 24.38 -11.26 -11.88
CA PHE A 10 24.69 -10.14 -11.01
C PHE A 10 24.37 -10.53 -9.56
N MET A 11 24.94 -9.78 -8.62
CA MET A 11 24.66 -10.00 -7.20
C MET A 11 23.42 -9.17 -6.85
N ALA A 12 22.28 -9.87 -6.82
CA ALA A 12 21.01 -9.30 -6.40
C ALA A 12 21.15 -8.76 -4.99
N LYS A 13 20.64 -7.55 -4.78
N LYS A 13 20.63 -7.55 -4.80
CA LYS A 13 20.66 -6.92 -3.46
CA LYS A 13 20.62 -6.89 -3.50
C LYS A 13 19.39 -7.28 -2.70
C LYS A 13 19.42 -7.36 -2.68
N ARG A 14 18.43 -7.89 -3.41
CA ARG A 14 17.12 -8.17 -2.87
C ARG A 14 16.37 -9.07 -3.82
N LYS A 15 15.36 -9.75 -3.29
N LYS A 15 15.36 -9.78 -3.29
CA LYS A 15 14.57 -10.74 -4.04
CA LYS A 15 14.57 -10.75 -4.05
C LYS A 15 13.83 -10.18 -5.27
C LYS A 15 13.83 -10.18 -5.27
N SER A 16 13.33 -8.95 -5.15
CA SER A 16 12.57 -8.33 -6.25
C SER A 16 13.42 -8.05 -7.51
N ASP A 17 14.73 -8.09 -7.38
N ASP A 17 14.75 -8.06 -7.35
CA ASP A 17 15.61 -7.92 -8.53
CA ASP A 17 15.70 -7.92 -8.47
C ASP A 17 15.91 -9.22 -9.26
C ASP A 17 15.79 -9.19 -9.32
N ILE A 18 15.39 -10.34 -8.77
CA ILE A 18 15.55 -11.63 -9.42
C ILE A 18 14.30 -11.89 -10.26
N ILE A 19 14.34 -11.40 -11.50
CA ILE A 19 13.23 -11.54 -12.44
C ILE A 19 13.24 -12.97 -12.98
N LEU A 20 12.07 -13.60 -13.00
CA LEU A 20 11.92 -14.92 -13.58
C LEU A 20 12.13 -14.85 -15.10
N LYS A 21 12.78 -15.87 -15.65
CA LYS A 21 13.23 -15.82 -17.05
CA LYS A 21 13.29 -15.89 -17.03
C LYS A 21 12.41 -16.69 -18.00
N SER A 22 11.70 -17.68 -17.47
CA SER A 22 10.92 -18.58 -18.32
C SER A 22 9.98 -19.40 -17.49
N VAL A 23 9.08 -20.12 -18.14
N VAL A 23 9.08 -20.12 -18.14
CA VAL A 23 8.17 -21.04 -17.45
CA VAL A 23 8.11 -20.97 -17.44
C VAL A 23 8.90 -22.12 -16.67
C VAL A 23 8.81 -22.13 -16.71
N ASP A 24 10.10 -22.51 -17.10
N ASP A 24 10.03 -22.48 -17.11
CA ASP A 24 10.83 -23.53 -16.34
CA ASP A 24 10.80 -23.49 -16.38
C ASP A 24 11.13 -23.06 -14.92
C ASP A 24 11.13 -23.05 -14.95
N ASP A 25 11.19 -21.74 -14.72
CA ASP A 25 11.38 -21.20 -13.37
C ASP A 25 10.16 -21.50 -12.46
N LEU A 26 9.07 -21.97 -13.05
CA LEU A 26 7.87 -22.36 -12.27
C LEU A 26 7.77 -23.85 -11.96
N LYS A 27 8.79 -24.61 -12.35
CA LYS A 27 8.68 -26.07 -12.32
C LYS A 27 8.46 -26.65 -10.92
N ASP A 28 8.89 -25.95 -9.86
CA ASP A 28 8.65 -26.42 -8.48
C ASP A 28 7.48 -25.77 -7.79
N GLU A 29 6.72 -24.99 -8.54
CA GLU A 29 5.55 -24.34 -7.97
C GLU A 29 4.44 -25.37 -7.77
N ILE A 30 3.44 -24.93 -7.02
CA ILE A 30 2.30 -25.74 -6.70
C ILE A 30 1.27 -25.63 -7.84
N ASP A 31 0.72 -26.77 -8.24
CA ASP A 31 -0.32 -26.80 -9.27
C ASP A 31 -1.61 -26.18 -8.72
N TYR A 32 -2.27 -25.36 -9.55
CA TYR A 32 -3.56 -24.76 -9.14
C TYR A 32 -4.61 -25.80 -8.72
N LYS A 33 -4.64 -26.93 -9.42
CA LYS A 33 -5.55 -28.02 -9.06
C LYS A 33 -5.38 -28.57 -7.65
N ASP A 34 -4.18 -28.39 -7.06
CA ASP A 34 -3.90 -28.76 -5.66
C ASP A 34 -4.14 -27.64 -4.65
N PHE A 35 -4.61 -26.49 -5.11
CA PHE A 35 -4.93 -25.34 -4.25
C PHE A 35 -6.14 -25.70 -3.42
N GLU A 36 -6.01 -25.67 -2.10
N GLU A 36 -6.02 -25.66 -2.09
CA GLU A 36 -7.08 -26.13 -1.20
CA GLU A 36 -7.11 -26.17 -1.27
C GLU A 36 -8.37 -25.29 -1.25
C GLU A 36 -8.34 -25.26 -1.11
N TYR A 37 -8.26 -24.00 -1.53
CA TYR A 37 -9.42 -23.10 -1.59
C TYR A 37 -10.03 -22.94 -2.97
N LYS A 38 -9.64 -23.80 -3.91
CA LYS A 38 -10.04 -23.61 -5.30
C LYS A 38 -11.55 -23.54 -5.51
N GLU A 39 -12.31 -24.23 -4.66
N GLU A 39 -12.32 -24.24 -4.68
CA GLU A 39 -13.80 -24.21 -4.75
CA GLU A 39 -13.79 -24.20 -4.76
C GLU A 39 -14.39 -22.81 -4.49
C GLU A 39 -14.39 -22.81 -4.50
N TYR A 40 -13.67 -21.98 -3.72
CA TYR A 40 -14.12 -20.59 -3.44
C TYR A 40 -13.76 -19.59 -4.57
N PHE A 41 -12.89 -20.02 -5.50
CA PHE A 41 -12.39 -19.16 -6.55
C PHE A 41 -13.01 -19.51 -7.89
N ASN A 42 -13.15 -18.48 -8.73
CA ASN A 42 -13.68 -18.65 -10.08
C ASN A 42 -12.81 -17.87 -11.04
N LEU A 43 -12.65 -18.41 -12.24
CA LEU A 43 -11.88 -17.75 -13.27
C LEU A 43 -12.47 -16.36 -13.53
N LEU A 44 -11.61 -15.34 -13.48
CA LEU A 44 -12.02 -13.95 -13.62
C LEU A 44 -11.62 -13.37 -14.95
N CYS A 45 -10.36 -13.55 -15.32
CA CYS A 45 -9.85 -12.97 -16.58
C CYS A 45 -8.52 -13.63 -16.90
N GLU A 46 -7.95 -13.26 -18.04
CA GLU A 46 -6.59 -13.61 -18.35
C GLU A 46 -5.78 -12.34 -18.57
N LEU A 47 -4.48 -12.44 -18.34
CA LEU A 47 -3.54 -11.37 -18.63
C LEU A 47 -2.69 -11.80 -19.81
N VAL A 48 -2.55 -10.91 -20.79
CA VAL A 48 -1.81 -11.20 -22.01
C VAL A 48 -0.60 -10.29 -22.03
N PRO A 49 0.63 -10.86 -21.90
CA PRO A 49 1.85 -10.03 -22.03
C PRO A 49 1.97 -9.41 -23.40
N ASN A 50 2.28 -8.11 -23.41
CA ASN A 50 2.59 -7.40 -24.62
C ASN A 50 3.98 -6.80 -24.44
N ASN A 51 5.00 -7.54 -24.88
CA ASN A 51 6.36 -7.11 -24.65
C ASN A 51 6.69 -5.84 -25.37
N SER A 52 6.14 -5.65 -26.58
CA SER A 52 6.40 -4.43 -27.35
CA SER A 52 6.37 -4.42 -27.37
C SER A 52 5.96 -3.18 -26.60
N LEU A 53 4.82 -3.27 -25.89
CA LEU A 53 4.33 -2.16 -25.11
C LEU A 53 4.66 -2.22 -23.60
N GLU A 54 5.45 -3.19 -23.21
CA GLU A 54 5.88 -3.40 -21.81
C GLU A 54 4.68 -3.33 -20.86
N LYS A 55 3.69 -4.15 -21.16
CA LYS A 55 2.45 -4.16 -20.37
C LYS A 55 1.68 -5.46 -20.51
N LEU A 56 0.71 -5.62 -19.60
CA LEU A 56 -0.25 -6.71 -19.62
C LEU A 56 -1.60 -6.21 -20.12
N GLU A 57 -2.19 -6.96 -21.05
CA GLU A 57 -3.56 -6.72 -21.49
CA GLU A 57 -3.56 -6.73 -21.51
C GLU A 57 -4.49 -7.67 -20.76
N ILE A 58 -5.77 -7.34 -20.75
CA ILE A 58 -6.76 -8.13 -20.06
C ILE A 58 -7.79 -8.71 -21.06
N ASN A 59 -8.03 -10.01 -20.94
N ASN A 59 -8.01 -10.02 -20.95
CA ASN A 59 -9.16 -10.70 -21.56
CA ASN A 59 -9.15 -10.69 -21.56
C ASN A 59 -10.16 -10.89 -20.44
C ASN A 59 -10.17 -10.90 -20.45
N ALA A 60 -11.25 -10.14 -20.47
CA ALA A 60 -12.31 -10.26 -19.44
C ALA A 60 -13.01 -11.60 -19.62
N ILE A 61 -13.22 -12.34 -18.54
CA ILE A 61 -13.97 -13.60 -18.63
C ILE A 61 -15.29 -13.52 -17.84
N ASP A 62 -15.15 -13.37 -16.54
CA ASP A 62 -16.29 -13.21 -15.66
C ASP A 62 -16.74 -11.73 -15.73
N GLU A 63 -17.41 -11.38 -16.84
N GLU A 63 -17.43 -11.41 -16.83
CA GLU A 63 -17.74 -9.98 -17.18
CA GLU A 63 -17.79 -10.02 -17.20
C GLU A 63 -18.50 -9.21 -16.10
C GLU A 63 -18.43 -9.25 -16.05
N LYS A 64 -19.39 -9.90 -15.40
CA LYS A 64 -20.18 -9.27 -14.37
C LYS A 64 -19.36 -8.90 -13.14
N ASN A 65 -18.13 -9.43 -13.03
CA ASN A 65 -17.25 -9.14 -11.89
C ASN A 65 -16.07 -8.28 -12.21
N LYS A 67 -15.86 -5.14 -12.68
CA LYS A 67 -15.91 -3.85 -11.95
C LYS A 67 -16.13 -4.06 -10.42
N ASN A 68 -16.20 -5.31 -9.98
N ASN A 68 -16.14 -5.31 -9.98
CA ASN A 68 -16.33 -5.65 -8.56
CA ASN A 68 -16.33 -5.66 -8.57
C ASN A 68 -15.03 -5.39 -7.79
C ASN A 68 -15.03 -5.43 -7.77
N GLU A 69 -15.18 -4.80 -6.61
CA GLU A 69 -14.04 -4.38 -5.76
C GLU A 69 -13.88 -5.25 -4.54
N GLY A 70 -12.65 -5.59 -4.17
CA GLY A 70 -12.42 -6.36 -2.95
C GLY A 70 -12.31 -7.84 -3.25
N LEU A 71 -11.11 -8.28 -3.60
N LEU A 71 -11.10 -8.29 -3.56
CA LEU A 71 -10.91 -9.64 -4.04
CA LEU A 71 -10.91 -9.64 -4.03
C LEU A 71 -9.55 -10.17 -3.62
C LEU A 71 -9.55 -10.17 -3.64
N VAL A 72 -9.47 -11.48 -3.54
CA VAL A 72 -8.23 -12.18 -3.47
C VAL A 72 -8.04 -12.81 -4.84
N TYR A 73 -6.84 -12.76 -5.40
CA TYR A 73 -6.59 -13.35 -6.72
C TYR A 73 -5.43 -14.33 -6.71
N VAL A 74 -5.45 -15.23 -7.68
CA VAL A 74 -4.38 -16.19 -7.93
C VAL A 74 -4.00 -16.07 -9.39
N PHE A 75 -2.73 -15.78 -9.64
CA PHE A 75 -2.15 -15.79 -10.99
C PHE A 75 -1.61 -17.19 -11.25
N VAL A 76 -2.06 -17.78 -12.36
CA VAL A 76 -1.70 -19.16 -12.73
C VAL A 76 -1.11 -19.20 -14.15
N ILE A 77 0.04 -19.85 -14.30
CA ILE A 77 0.72 -19.93 -15.60
C ILE A 77 0.99 -21.39 -15.89
N GLN A 78 0.39 -21.88 -16.98
CA GLN A 78 0.46 -23.28 -17.36
C GLN A 78 0.19 -24.21 -16.20
N GLY A 79 -0.91 -23.95 -15.47
CA GLY A 79 -1.26 -24.80 -14.33
C GLY A 79 -0.59 -24.46 -13.00
N LYS A 80 0.47 -23.65 -13.01
CA LYS A 80 1.30 -23.41 -11.79
C LYS A 80 0.88 -22.11 -11.10
N ILE A 81 0.75 -22.15 -9.78
CA ILE A 81 0.48 -20.94 -9.02
C ILE A 81 1.72 -20.08 -8.93
N PHE A 82 1.67 -18.93 -9.59
CA PHE A 82 2.75 -17.96 -9.57
C PHE A 82 2.64 -16.98 -8.37
N LYS A 83 1.43 -16.51 -8.10
CA LYS A 83 1.22 -15.57 -7.05
C LYS A 83 -0.22 -15.60 -6.53
N ILE A 84 -0.36 -15.31 -5.24
CA ILE A 84 -1.62 -15.00 -4.59
C ILE A 84 -1.52 -13.55 -4.07
N GLY A 85 -2.53 -12.74 -4.33
CA GLY A 85 -2.56 -11.38 -3.82
C GLY A 85 -3.96 -10.88 -3.59
N HIS A 86 -4.13 -9.59 -3.34
CA HIS A 86 -5.43 -9.02 -3.11
C HIS A 86 -5.50 -7.55 -3.59
N SER A 87 -6.73 -7.07 -3.75
CA SER A 87 -7.00 -5.66 -4.06
C SER A 87 -8.32 -5.22 -3.46
N ILE A 88 -8.36 -4.00 -2.95
CA ILE A 88 -9.62 -3.35 -2.58
C ILE A 88 -10.28 -2.66 -3.80
N THR A 89 -9.57 -2.67 -4.93
CA THR A 89 -10.10 -2.17 -6.20
C THR A 89 -10.53 -3.34 -7.12
N PRO A 90 -11.08 -3.01 -8.31
CA PRO A 90 -11.31 -4.07 -9.31
C PRO A 90 -10.01 -4.61 -9.88
N ILE A 91 -10.08 -5.80 -10.46
CA ILE A 91 -8.91 -6.41 -11.04
C ILE A 91 -8.24 -5.52 -12.09
N THR A 92 -9.03 -4.75 -12.85
CA THR A 92 -8.49 -3.86 -13.89
C THR A 92 -7.51 -2.86 -13.32
N LYS A 93 -7.83 -2.30 -12.15
CA LYS A 93 -6.98 -1.34 -11.51
C LYS A 93 -5.74 -1.99 -10.92
N ARG A 94 -5.87 -3.20 -10.37
CA ARG A 94 -4.70 -3.91 -9.89
C ARG A 94 -3.77 -4.22 -11.05
N VAL A 95 -4.33 -4.57 -12.20
CA VAL A 95 -3.51 -4.82 -13.39
C VAL A 95 -2.82 -3.55 -13.87
N GLN A 96 -3.53 -2.44 -13.90
N GLN A 96 -3.58 -2.47 -13.95
N GLN A 96 -3.54 -2.44 -13.87
CA GLN A 96 -2.87 -1.20 -14.30
CA GLN A 96 -3.09 -1.12 -14.19
CA GLN A 96 -2.93 -1.20 -14.31
C GLN A 96 -1.75 -0.85 -13.32
C GLN A 96 -1.84 -0.85 -13.33
C GLN A 96 -1.84 -0.74 -13.31
N SER A 97 -1.96 -1.12 -12.05
CA SER A 97 -0.87 -0.97 -11.08
C SER A 97 0.33 -1.87 -11.44
N TYR A 98 0.09 -3.13 -11.77
CA TYR A 98 1.18 -3.95 -12.26
C TYR A 98 1.90 -3.36 -13.48
N ASN A 99 1.12 -2.73 -14.36
CA ASN A 99 1.66 -2.04 -15.54
C ASN A 99 2.55 -0.86 -15.23
N CYS A 100 2.60 -0.47 -13.97
CA CYS A 100 3.60 0.48 -13.44
C CYS A 100 4.99 -0.14 -13.23
N GLY A 101 5.12 -1.46 -13.34
CA GLY A 101 6.40 -2.14 -13.08
C GLY A 101 7.41 -2.04 -14.21
N LYS A 102 7.41 -0.93 -14.94
N LYS A 102 7.43 -0.92 -14.93
CA LYS A 102 8.30 -0.76 -16.08
CA LYS A 102 8.31 -0.75 -16.07
C LYS A 102 9.73 -0.48 -15.64
C LYS A 102 9.74 -0.49 -15.63
N VAL A 103 10.68 -0.87 -16.49
CA VAL A 103 12.09 -0.65 -16.25
C VAL A 103 12.40 0.80 -15.95
N GLU A 104 11.84 1.71 -16.74
N GLU A 104 11.85 1.72 -16.74
CA GLU A 104 12.09 3.13 -16.56
CA GLU A 104 12.13 3.15 -16.54
C GLU A 104 11.64 3.62 -15.18
C GLU A 104 11.62 3.67 -15.19
N TYR A 105 10.47 3.17 -14.73
CA TYR A 105 9.92 3.61 -13.46
C TYR A 105 10.73 3.03 -12.29
N ARG A 106 11.19 1.81 -12.44
CA ARG A 106 12.06 1.20 -11.43
C ARG A 106 13.35 1.99 -11.31
N LYS A 107 13.91 2.38 -12.45
CA LYS A 107 15.10 3.25 -12.45
CA LYS A 107 15.10 3.26 -12.48
C LYS A 107 14.83 4.60 -11.77
N ASN A 108 13.65 5.16 -12.03
N ASN A 108 13.67 5.17 -11.95
CA ASN A 108 13.16 6.40 -11.42
CA ASN A 108 13.37 6.43 -11.31
C ASN A 108 12.93 6.22 -9.91
C ASN A 108 12.89 6.24 -9.88
N GLY A 109 12.66 4.98 -9.48
CA GLY A 109 12.27 4.64 -8.11
C GLY A 109 10.84 4.98 -7.78
N THR A 110 10.01 5.12 -8.81
CA THR A 110 8.61 5.54 -8.63
C THR A 110 7.60 4.41 -8.67
N CYS A 111 8.01 3.21 -9.09
CA CYS A 111 7.13 2.06 -8.97
C CYS A 111 7.49 1.21 -7.74
N SER A 112 6.54 0.43 -7.26
CA SER A 112 6.84 -0.54 -6.22
C SER A 112 7.78 -1.63 -6.74
N THR A 113 8.62 -2.16 -5.87
CA THR A 113 9.47 -3.30 -6.28
C THR A 113 8.64 -4.53 -6.66
N THR A 114 7.49 -4.68 -6.02
CA THR A 114 6.53 -5.72 -6.33
C THR A 114 6.04 -5.64 -7.78
N ASN A 115 5.55 -4.47 -8.17
CA ASN A 115 5.04 -4.33 -9.51
C ASN A 115 6.13 -4.57 -10.58
N TYR A 116 7.33 -4.09 -10.31
CA TYR A 116 8.50 -4.34 -11.15
C TYR A 116 8.83 -5.83 -11.27
N PHE A 117 8.99 -6.50 -10.15
CA PHE A 117 9.28 -7.93 -10.17
C PHE A 117 8.19 -8.73 -10.96
N VAL A 118 6.92 -8.46 -10.69
CA VAL A 118 5.87 -9.22 -11.32
C VAL A 118 5.72 -8.87 -12.80
N LEU A 119 5.68 -7.59 -13.15
CA LEU A 119 5.51 -7.25 -14.55
C LEU A 119 6.66 -7.83 -15.38
N GLN A 120 7.88 -7.62 -14.92
CA GLN A 120 9.05 -8.03 -15.70
C GLN A 120 9.14 -9.55 -15.82
N SER A 121 8.78 -10.24 -14.73
CA SER A 121 8.72 -11.72 -14.74
C SER A 121 7.68 -12.24 -15.72
N LEU A 122 6.49 -11.67 -15.66
CA LEU A 122 5.39 -12.08 -16.56
C LEU A 122 5.68 -11.77 -18.03
N LEU A 123 6.30 -10.63 -18.31
CA LEU A 123 6.74 -10.28 -19.66
C LEU A 123 7.82 -11.23 -20.20
N LYS A 124 8.79 -11.57 -19.36
N LYS A 124 8.81 -11.57 -19.37
CA LYS A 124 9.88 -12.48 -19.75
CA LYS A 124 9.89 -12.50 -19.75
C LYS A 124 9.40 -13.92 -19.94
C LYS A 124 9.39 -13.93 -19.95
N ILE A 125 8.56 -14.40 -19.04
CA ILE A 125 7.96 -15.71 -19.18
C ILE A 125 7.15 -15.77 -20.46
N ASN A 126 6.41 -14.68 -20.69
CA ASN A 126 5.73 -14.44 -21.92
C ASN A 126 4.67 -15.47 -22.20
N LYS A 127 3.90 -15.80 -21.17
CA LYS A 127 2.76 -16.69 -21.31
C LYS A 127 1.52 -15.98 -20.81
N ILE A 128 0.38 -16.38 -21.35
CA ILE A 128 -0.91 -15.89 -20.88
C ILE A 128 -1.13 -16.38 -19.45
N VAL A 129 -1.66 -15.49 -18.60
CA VAL A 129 -1.82 -15.79 -17.18
C VAL A 129 -3.31 -15.92 -16.90
N GLN A 130 -3.73 -17.02 -16.32
CA GLN A 130 -5.10 -17.14 -15.83
C GLN A 130 -5.24 -16.52 -14.44
N VAL A 131 -6.29 -15.74 -14.26
CA VAL A 131 -6.54 -15.06 -12.99
C VAL A 131 -7.82 -15.61 -12.38
N TYR A 132 -7.70 -16.30 -11.25
CA TYR A 132 -8.84 -16.85 -10.51
C TYR A 132 -9.08 -15.88 -9.36
N ALA A 133 -10.35 -15.67 -8.98
CA ALA A 133 -10.62 -14.67 -7.96
C ALA A 133 -11.70 -15.10 -7.00
N PHE A 134 -11.65 -14.55 -5.79
CA PHE A 134 -12.63 -14.78 -4.73
C PHE A 134 -12.96 -13.43 -4.20
N PHE A 135 -14.25 -13.10 -4.11
CA PHE A 135 -14.71 -11.81 -3.61
C PHE A 135 -15.35 -12.01 -2.23
N PRO A 136 -14.62 -11.70 -1.15
CA PRO A 136 -15.26 -11.88 0.17
C PRO A 136 -16.50 -11.02 0.35
N GLU A 137 -17.40 -11.45 1.23
N GLU A 137 -17.38 -11.44 1.25
CA GLU A 137 -18.56 -10.63 1.57
CA GLU A 137 -18.54 -10.64 1.65
C GLU A 137 -18.07 -9.44 2.38
C GLU A 137 -18.01 -9.41 2.35
N GLN A 138 -18.69 -8.29 2.16
CA GLN A 138 -18.29 -7.04 2.77
C GLN A 138 -19.20 -6.79 3.95
N PRO A 139 -18.61 -6.54 5.12
CA PRO A 139 -19.44 -6.21 6.28
C PRO A 139 -19.99 -4.79 6.22
N THR A 140 -21.11 -4.58 6.91
CA THR A 140 -21.63 -3.25 7.14
C THR A 140 -20.96 -2.66 8.38
N TYR A 141 -20.68 -1.37 8.34
CA TYR A 141 -20.05 -0.70 9.45
C TYR A 141 -20.45 0.77 9.49
N THR A 142 -20.29 1.36 10.67
CA THR A 142 -20.72 2.72 10.91
C THR A 142 -19.54 3.63 11.23
N LEU A 143 -19.57 4.81 10.64
CA LEU A 143 -18.59 5.86 10.91
C LEU A 143 -19.35 7.17 10.96
N PHE A 144 -19.27 7.85 12.10
CA PHE A 144 -19.90 9.16 12.30
C PHE A 144 -21.39 9.07 12.01
N GLY A 145 -21.98 7.96 12.48
CA GLY A 145 -23.41 7.70 12.34
C GLY A 145 -23.92 7.34 10.96
N LYS A 146 -23.01 7.09 10.02
CA LYS A 146 -23.39 6.71 8.66
CA LYS A 146 -23.38 6.71 8.66
C LYS A 146 -22.91 5.30 8.39
N THR A 147 -23.71 4.53 7.66
CA THR A 147 -23.37 3.14 7.38
C THR A 147 -22.65 2.99 6.04
N TYR A 148 -21.69 2.07 6.01
CA TYR A 148 -20.90 1.77 4.82
C TYR A 148 -20.85 0.27 4.61
N GLN A 149 -20.69 -0.14 3.37
CA GLN A 149 -20.42 -1.53 3.04
C GLN A 149 -19.59 -1.54 1.75
N ASP A 150 -18.30 -1.71 1.91
CA ASP A 150 -17.38 -1.59 0.79
C ASP A 150 -16.11 -2.38 1.06
N SER A 151 -15.12 -2.21 0.19
CA SER A 151 -13.90 -2.99 0.21
C SER A 151 -12.81 -2.41 1.11
N PHE A 152 -13.00 -1.20 1.63
CA PHE A 152 -11.97 -0.49 2.40
C PHE A 152 -11.92 -0.94 3.84
N SER A 153 -10.73 -0.90 4.44
CA SER A 153 -10.63 -0.99 5.89
C SER A 153 -11.32 0.21 6.50
N THR A 154 -11.74 0.09 7.76
N THR A 154 -11.74 0.09 7.75
CA THR A 154 -12.43 1.21 8.41
CA THR A 154 -12.42 1.18 8.43
C THR A 154 -11.55 2.45 8.56
C THR A 154 -11.54 2.43 8.55
N SER A 155 -10.24 2.26 8.77
CA SER A 155 -9.31 3.42 8.85
C SER A 155 -9.16 4.14 7.49
N LYS A 156 -9.08 3.37 6.42
CA LYS A 156 -8.99 3.98 5.08
C LYS A 156 -10.30 4.71 4.70
N ARG A 157 -11.46 4.13 4.99
CA ARG A 157 -12.71 4.80 4.71
C ARG A 157 -12.84 6.07 5.55
N ALA A 158 -12.52 5.98 6.86
CA ALA A 158 -12.62 7.11 7.77
C ALA A 158 -11.75 8.27 7.29
N GLU A 159 -10.55 7.96 6.81
CA GLU A 159 -9.64 8.97 6.30
C GLU A 159 -10.15 9.63 5.02
N ASN A 160 -10.71 8.82 4.13
N ASN A 160 -10.72 8.83 4.12
CA ASN A 160 -11.32 9.35 2.93
CA ASN A 160 -11.33 9.38 2.91
C ASN A 160 -12.45 10.33 3.24
C ASN A 160 -12.46 10.33 3.24
N VAL A 161 -13.34 9.94 4.16
CA VAL A 161 -14.50 10.76 4.54
C VAL A 161 -14.03 12.06 5.17
N ILE A 162 -13.07 11.94 6.07
CA ILE A 162 -12.47 13.10 6.72
C ILE A 162 -11.78 14.04 5.71
N LEU A 163 -11.01 13.47 4.80
CA LEU A 163 -10.24 14.27 3.86
C LEU A 163 -11.14 14.96 2.83
N GLU A 164 -12.19 14.27 2.39
N GLU A 164 -12.18 14.26 2.39
CA GLU A 164 -13.15 14.86 1.47
CA GLU A 164 -13.17 14.85 1.47
C GLU A 164 -13.84 16.07 2.09
C GLU A 164 -13.84 16.07 2.10
N ASN A 165 -14.24 15.92 3.36
CA ASN A 165 -14.83 17.02 4.12
C ASN A 165 -13.83 18.17 4.33
N PHE A 166 -12.58 17.82 4.62
CA PHE A 166 -11.50 18.80 4.73
C PHE A 166 -11.42 19.64 3.45
N ILE A 167 -11.48 19.00 2.29
CA ILE A 167 -11.41 19.70 0.99
C ILE A 167 -12.60 20.63 0.77
N LYS A 168 -13.79 20.15 1.10
CA LYS A 168 -14.99 20.97 1.03
C LYS A 168 -14.90 22.20 1.94
N ASN A 169 -14.30 22.05 3.12
CA ASN A 169 -14.19 23.17 4.07
C ASN A 169 -13.10 24.19 3.71
N HIS A 170 -11.94 23.72 3.27
CA HIS A 170 -10.75 24.55 3.08
C HIS A 170 -10.27 24.64 1.63
N ASN A 171 -10.92 23.88 0.76
CA ASN A 171 -10.68 23.91 -0.71
C ASN A 171 -9.34 23.40 -1.19
N LYS A 172 -8.70 22.58 -0.37
CA LYS A 172 -7.44 21.95 -0.75
C LYS A 172 -7.13 20.88 0.29
N LYS A 173 -6.15 20.03 -0.02
CA LYS A 173 -5.67 19.08 0.96
C LYS A 173 -4.46 19.68 1.69
N PRO A 174 -4.12 19.13 2.87
CA PRO A 174 -2.88 19.58 3.50
C PRO A 174 -1.71 19.45 2.54
N ILE A 175 -0.71 20.30 2.73
CA ILE A 175 0.45 20.31 1.86
C ILE A 175 1.21 18.96 1.83
N GLY A 176 1.20 18.22 2.95
CA GLY A 176 1.87 16.93 3.04
C GLY A 176 1.11 15.80 2.36
N CYS A 177 -0.13 16.08 1.91
CA CYS A 177 -0.93 15.15 1.13
C CYS A 177 -0.70 15.48 -0.33
N THR A 178 0.23 14.76 -0.90
CA THR A 178 0.84 15.08 -2.18
C THR A 178 -0.12 14.78 -3.33
N GLN A 179 -0.83 13.65 -3.21
CA GLN A 179 -1.71 13.17 -4.27
C GLN A 179 -2.89 14.10 -4.49
N THR A 180 -3.23 14.34 -5.77
CA THR A 180 -4.45 15.08 -6.16
C THR A 180 -5.70 14.32 -5.70
N HIS B 8 13.57 26.06 -4.04
CA HIS B 8 14.51 25.02 -4.56
C HIS B 8 15.08 25.42 -5.92
N GLU B 9 16.06 24.67 -6.43
CA GLU B 9 16.81 25.10 -7.64
C GLU B 9 16.76 24.13 -8.83
N PHE B 10 16.38 22.88 -8.56
CA PHE B 10 16.24 21.87 -9.61
C PHE B 10 14.82 21.82 -10.16
N MET B 11 14.70 21.32 -11.40
CA MET B 11 13.38 20.98 -11.99
C MET B 11 12.94 19.60 -11.45
N ALA B 12 12.04 19.63 -10.46
CA ALA B 12 11.40 18.42 -9.95
C ALA B 12 10.62 17.71 -11.07
N LYS B 13 10.73 16.39 -11.13
N LYS B 13 10.74 16.38 -11.14
CA LYS B 13 9.95 15.61 -12.10
CA LYS B 13 9.97 15.57 -12.08
C LYS B 13 8.60 15.23 -11.50
C LYS B 13 8.57 15.30 -11.52
N ARG B 14 8.42 15.55 -10.21
CA ARG B 14 7.26 15.13 -9.49
C ARG B 14 7.23 15.82 -8.13
N LYS B 15 6.03 15.88 -7.58
N LYS B 15 6.03 15.90 -7.57
CA LYS B 15 5.78 16.56 -6.31
CA LYS B 15 5.79 16.57 -6.30
C LYS B 15 6.56 15.99 -5.12
C LYS B 15 6.60 15.99 -5.13
N SER B 16 6.72 14.67 -5.08
CA SER B 16 7.41 14.01 -3.94
C SER B 16 8.89 14.42 -3.87
N ASP B 17 9.41 14.99 -4.95
N ASP B 17 9.38 14.96 -5.01
CA ASP B 17 10.82 15.43 -4.97
CA ASP B 17 10.75 15.48 -5.18
C ASP B 17 10.98 16.84 -4.43
C ASP B 17 10.95 16.75 -4.37
N ILE B 18 9.88 17.52 -4.16
CA ILE B 18 9.93 18.86 -3.58
C ILE B 18 9.84 18.77 -2.05
N ILE B 19 11.00 18.67 -1.43
CA ILE B 19 11.11 18.53 0.04
C ILE B 19 10.87 19.89 0.70
N LEU B 20 9.99 19.94 1.72
CA LEU B 20 9.76 21.18 2.45
C LEU B 20 11.03 21.59 3.21
N LYS B 21 11.20 22.90 3.38
N LYS B 21 11.22 22.89 3.36
CA LYS B 21 12.47 23.45 3.86
CA LYS B 21 12.48 23.48 3.86
C LYS B 21 12.44 24.02 5.29
C LYS B 21 12.43 24.00 5.30
N SER B 22 11.27 24.49 5.73
CA SER B 22 11.15 25.10 7.03
C SER B 22 9.69 25.21 7.37
N VAL B 23 9.42 25.60 8.61
N VAL B 23 9.43 25.56 8.62
CA VAL B 23 8.07 25.78 9.08
CA VAL B 23 8.09 25.87 9.07
C VAL B 23 7.36 26.93 8.32
C VAL B 23 7.40 26.91 8.17
N ASP B 24 8.14 27.78 7.65
N ASP B 24 8.16 27.85 7.63
CA ASP B 24 7.58 28.84 6.81
CA ASP B 24 7.58 28.89 6.75
C ASP B 24 6.81 28.29 5.60
C ASP B 24 6.79 28.29 5.59
N ASP B 25 7.18 27.10 5.14
CA ASP B 25 6.47 26.40 4.08
C ASP B 25 5.06 25.96 4.50
N LEU B 26 4.76 26.03 5.80
CA LEU B 26 3.46 25.67 6.32
C LEU B 26 2.56 26.87 6.55
N LYS B 27 3.03 28.04 6.15
CA LYS B 27 2.36 29.31 6.44
C LYS B 27 0.91 29.39 5.93
N ASP B 28 0.62 28.69 4.85
CA ASP B 28 -0.72 28.73 4.22
C ASP B 28 -1.56 27.52 4.60
N GLU B 29 -1.07 26.72 5.55
CA GLU B 29 -1.78 25.52 5.91
C GLU B 29 -2.94 25.86 6.83
N ILE B 30 -3.83 24.89 7.01
CA ILE B 30 -5.02 25.01 7.85
C ILE B 30 -4.64 24.76 9.31
N ASP B 31 -5.10 25.63 10.21
CA ASP B 31 -4.92 25.42 11.64
C ASP B 31 -5.63 24.18 12.14
N TYR B 32 -4.98 23.44 13.06
CA TYR B 32 -5.57 22.23 13.64
C TYR B 32 -6.93 22.58 14.28
N LYS B 33 -7.02 23.79 14.83
N LYS B 33 -7.02 23.78 14.86
CA LYS B 33 -8.25 24.30 15.46
CA LYS B 33 -8.27 24.23 15.50
C LYS B 33 -9.45 24.28 14.52
C LYS B 33 -9.45 24.35 14.53
N ASP B 34 -9.16 24.44 13.22
CA ASP B 34 -10.19 24.53 12.18
C ASP B 34 -10.52 23.18 11.53
N PHE B 35 -10.11 22.11 12.18
CA PHE B 35 -10.33 20.75 11.70
C PHE B 35 -11.68 20.29 12.31
N GLU B 36 -12.68 20.17 11.45
CA GLU B 36 -14.06 19.89 11.86
C GLU B 36 -14.19 18.59 12.65
N TYR B 37 -13.34 17.60 12.37
CA TYR B 37 -13.40 16.30 13.09
C TYR B 37 -12.53 16.20 14.35
N LYS B 38 -11.94 17.32 14.77
CA LYS B 38 -10.98 17.30 15.86
C LYS B 38 -11.53 16.69 17.17
N GLU B 39 -12.85 16.73 17.40
CA GLU B 39 -13.41 16.17 18.65
C GLU B 39 -13.26 14.65 18.69
N TYR B 40 -13.12 14.03 17.53
CA TYR B 40 -12.86 12.59 17.44
C TYR B 40 -11.42 12.16 17.64
N PHE B 41 -10.52 13.14 17.63
CA PHE B 41 -9.08 12.91 17.74
C PHE B 41 -8.52 13.29 19.12
N ASN B 42 -7.47 12.57 19.52
CA ASN B 42 -6.73 12.85 20.73
C ASN B 42 -5.25 12.90 20.43
N LEU B 43 -4.50 13.64 21.24
CA LEU B 43 -3.05 13.73 21.07
C LEU B 43 -2.41 12.40 21.49
N LEU B 44 -1.93 11.65 20.50
CA LEU B 44 -1.45 10.30 20.72
C LEU B 44 0.03 10.32 21.13
N CYS B 45 0.83 11.06 20.39
CA CYS B 45 2.27 11.01 20.54
C CYS B 45 2.86 12.19 19.82
N GLU B 46 4.18 12.36 19.94
N GLU B 46 4.18 12.32 19.92
CA GLU B 46 4.91 13.37 19.16
CA GLU B 46 4.93 13.30 19.16
C GLU B 46 6.14 12.74 18.50
C GLU B 46 6.09 12.64 18.43
N LEU B 47 6.46 13.24 17.31
CA LEU B 47 7.64 12.81 16.55
C LEU B 47 8.75 13.83 16.75
N VAL B 48 9.95 13.31 17.04
CA VAL B 48 11.15 14.09 17.27
C VAL B 48 12.18 13.75 16.18
N PRO B 49 12.46 14.69 15.27
CA PRO B 49 13.46 14.52 14.24
C PRO B 49 14.84 14.33 14.80
N ASN B 50 15.54 13.32 14.27
CA ASN B 50 16.89 12.99 14.67
C ASN B 50 17.67 13.03 13.37
N ASN B 51 18.19 14.21 13.05
CA ASN B 51 18.91 14.39 11.79
C ASN B 51 20.17 13.52 11.67
N SER B 52 20.92 13.35 12.75
N SER B 52 20.92 13.33 12.76
CA SER B 52 22.15 12.51 12.74
CA SER B 52 22.16 12.53 12.71
C SER B 52 21.86 11.09 12.25
C SER B 52 21.91 11.06 12.36
N LEU B 53 20.76 10.53 12.73
CA LEU B 53 20.42 9.18 12.40
C LEU B 53 19.37 9.10 11.30
N GLU B 54 19.05 10.24 10.69
CA GLU B 54 18.09 10.32 9.58
C GLU B 54 16.80 9.57 9.89
N LYS B 55 16.19 9.93 11.01
CA LYS B 55 14.98 9.24 11.43
C LYS B 55 14.19 10.08 12.39
N LEU B 56 12.96 9.65 12.59
CA LEU B 56 12.05 10.20 13.57
C LEU B 56 11.95 9.28 14.80
N GLU B 57 12.10 9.89 15.98
CA GLU B 57 11.86 9.22 17.26
CA GLU B 57 11.86 9.21 17.25
C GLU B 57 10.46 9.58 17.73
N ILE B 58 9.96 8.82 18.68
CA ILE B 58 8.59 8.98 19.17
C ILE B 58 8.64 9.26 20.67
N ASN B 59 7.89 10.26 21.08
CA ASN B 59 7.53 10.41 22.47
CA ASN B 59 7.51 10.48 22.47
C ASN B 59 6.06 10.03 22.63
N ALA B 60 5.82 8.95 23.35
CA ALA B 60 4.45 8.50 23.61
C ALA B 60 3.75 9.49 24.51
N ILE B 61 2.50 9.82 24.21
CA ILE B 61 1.72 10.70 25.08
C ILE B 61 0.52 9.94 25.62
N ASP B 62 -0.35 9.48 24.73
CA ASP B 62 -1.53 8.69 25.10
C ASP B 62 -1.12 7.22 25.12
N GLU B 63 -0.41 6.87 26.21
CA GLU B 63 0.35 5.63 26.29
C GLU B 63 -0.52 4.41 26.10
N LYS B 64 -1.77 4.48 26.55
CA LYS B 64 -2.64 3.32 26.45
C LYS B 64 -2.98 2.94 25.00
N ASN B 65 -2.78 3.89 24.09
CA ASN B 65 -3.17 3.72 22.70
C ASN B 65 -2.01 3.51 21.76
N LYS B 67 -0.29 0.96 21.20
CA LYS B 67 -0.31 -0.34 20.50
C LYS B 67 -1.64 -0.61 19.77
N ASN B 68 -2.56 0.36 19.82
N ASN B 68 -2.53 0.38 19.77
CA ASN B 68 -3.83 0.28 19.12
CA ASN B 68 -3.82 0.28 19.11
C ASN B 68 -3.61 0.34 17.61
C ASN B 68 -3.68 0.37 17.59
N GLU B 69 -4.31 -0.52 16.87
N GLU B 69 -4.32 -0.54 16.88
CA GLU B 69 -4.15 -0.52 15.44
CA GLU B 69 -4.22 -0.61 15.43
C GLU B 69 -5.43 -0.18 14.68
C GLU B 69 -5.46 -0.07 14.74
N GLY B 70 -5.27 0.55 13.58
CA GLY B 70 -6.41 1.05 12.81
C GLY B 70 -6.75 2.45 13.26
N LEU B 71 -6.17 3.42 12.57
N LEU B 71 -6.15 3.42 12.59
CA LEU B 71 -6.29 4.81 12.97
CA LEU B 71 -6.29 4.82 12.98
C LEU B 71 -6.19 5.78 11.80
C LEU B 71 -6.20 5.78 11.79
N VAL B 72 -6.79 6.94 11.98
CA VAL B 72 -6.52 8.06 11.14
C VAL B 72 -5.63 8.97 11.96
N TYR B 73 -4.58 9.52 11.35
CA TYR B 73 -3.74 10.44 12.06
C TYR B 73 -3.66 11.79 11.37
N VAL B 74 -3.31 12.79 12.16
CA VAL B 74 -3.01 14.14 11.70
C VAL B 74 -1.65 14.55 12.25
N PHE B 75 -0.74 14.93 11.36
CA PHE B 75 0.55 15.48 11.77
C PHE B 75 0.38 17.00 11.83
N VAL B 76 0.73 17.58 12.97
CA VAL B 76 0.58 19.00 13.18
C VAL B 76 1.91 19.57 13.61
N ILE B 77 2.33 20.63 12.94
CA ILE B 77 3.53 21.37 13.33
C ILE B 77 3.17 22.83 13.65
N GLN B 78 3.48 23.28 14.86
CA GLN B 78 3.11 24.62 15.31
C GLN B 78 1.67 25.00 15.01
N GLY B 79 0.75 24.12 15.35
CA GLY B 79 -0.68 24.36 15.11
C GLY B 79 -1.18 24.25 13.69
N LYS B 80 -0.29 23.97 12.76
CA LYS B 80 -0.63 23.79 11.31
C LYS B 80 -0.70 22.31 10.91
N ILE B 81 -1.77 21.94 10.22
CA ILE B 81 -1.95 20.62 9.68
C ILE B 81 -1.00 20.43 8.50
N PHE B 82 0.01 19.58 8.71
CA PHE B 82 0.98 19.15 7.67
C PHE B 82 0.45 17.96 6.83
N LYS B 83 -0.18 16.97 7.47
CA LYS B 83 -0.67 15.79 6.77
C LYS B 83 -1.79 15.09 7.55
N ILE B 84 -2.73 14.51 6.80
CA ILE B 84 -3.71 13.53 7.30
C ILE B 84 -3.37 12.22 6.60
N GLY B 85 -3.29 11.14 7.38
CA GLY B 85 -3.09 9.80 6.82
C GLY B 85 -3.78 8.73 7.63
N HIS B 86 -3.45 7.48 7.37
CA HIS B 86 -4.07 6.40 8.10
C HIS B 86 -3.14 5.19 8.15
N SER B 87 -3.47 4.26 9.02
CA SER B 87 -2.74 3.02 9.11
C SER B 87 -3.62 1.94 9.70
N ILE B 88 -3.45 0.72 9.18
CA ILE B 88 -4.06 -0.47 9.79
C ILE B 88 -3.18 -1.01 10.95
N THR B 89 -1.99 -0.44 11.11
CA THR B 89 -1.05 -0.87 12.14
C THR B 89 -1.10 0.17 13.23
N PRO B 90 -0.32 -0.03 14.32
CA PRO B 90 -0.19 1.07 15.25
C PRO B 90 0.70 2.18 14.74
N ILE B 91 0.61 3.33 15.40
CA ILE B 91 1.38 4.48 14.97
C ILE B 91 2.88 4.23 14.93
N THR B 92 3.39 3.39 15.84
CA THR B 92 4.82 3.13 15.87
C THR B 92 5.31 2.48 14.54
N LYS B 93 4.52 1.58 13.98
CA LYS B 93 4.89 0.96 12.70
C LYS B 93 4.75 1.92 11.53
N ARG B 94 3.74 2.80 11.54
CA ARG B 94 3.63 3.80 10.51
C ARG B 94 4.84 4.72 10.57
N VAL B 95 5.32 5.05 11.77
CA VAL B 95 6.54 5.86 11.90
C VAL B 95 7.77 5.09 11.39
N GLN B 96 7.88 3.81 11.75
N GLN B 96 7.90 3.81 11.71
N GLN B 96 7.87 3.81 11.70
CA GLN B 96 8.92 2.91 11.24
CA GLN B 96 9.06 3.07 11.18
CA GLN B 96 9.02 3.04 11.21
C GLN B 96 8.96 2.98 9.71
C GLN B 96 8.99 3.01 9.65
C GLN B 96 8.99 2.94 9.67
N SER B 97 7.79 2.92 9.09
CA SER B 97 7.63 3.04 7.63
C SER B 97 8.15 4.39 7.11
N TYR B 98 7.78 5.50 7.78
CA TYR B 98 8.34 6.81 7.47
C TYR B 98 9.87 6.82 7.55
N ASN B 99 10.45 6.09 8.50
CA ASN B 99 11.90 6.00 8.65
C ASN B 99 12.60 5.24 7.53
N CYS B 100 11.84 4.62 6.64
CA CYS B 100 12.36 4.06 5.39
C CYS B 100 12.59 5.13 4.31
N GLY B 101 12.18 6.38 4.54
CA GLY B 101 12.31 7.43 3.53
C GLY B 101 13.68 8.07 3.44
N LYS B 102 14.70 7.25 3.64
CA LYS B 102 16.09 7.72 3.70
C LYS B 102 16.59 7.97 2.30
N VAL B 103 17.50 8.93 2.16
CA VAL B 103 18.09 9.24 0.87
C VAL B 103 18.62 8.02 0.11
N GLU B 104 19.34 7.15 0.81
N GLU B 104 19.35 7.14 0.79
CA GLU B 104 19.91 5.95 0.24
CA GLU B 104 19.94 5.97 0.16
C GLU B 104 18.86 5.06 -0.38
C GLU B 104 18.88 5.00 -0.38
N TYR B 105 17.76 4.87 0.34
CA TYR B 105 16.70 3.97 -0.11
C TYR B 105 15.91 4.58 -1.26
N ARG B 106 15.73 5.91 -1.26
CA ARG B 106 15.12 6.57 -2.42
C ARG B 106 15.99 6.39 -3.66
N LYS B 107 17.30 6.49 -3.46
N LYS B 107 17.31 6.52 -3.50
CA LYS B 107 18.31 6.19 -4.48
CA LYS B 107 18.24 6.32 -4.61
C LYS B 107 18.21 4.72 -4.93
C LYS B 107 18.18 4.88 -5.15
N ASN B 108 18.01 3.81 -3.98
N ASN B 108 18.00 3.91 -4.26
CA ASN B 108 17.81 2.37 -4.28
CA ASN B 108 17.90 2.53 -4.69
C ASN B 108 16.51 2.15 -5.06
C ASN B 108 16.49 2.14 -5.10
N GLY B 109 15.53 3.04 -4.87
CA GLY B 109 14.18 2.89 -5.39
C GLY B 109 13.34 1.92 -4.58
N THR B 110 13.75 1.69 -3.32
CA THR B 110 13.11 0.69 -2.44
C THR B 110 12.17 1.27 -1.40
N CYS B 111 12.19 2.59 -1.22
CA CYS B 111 11.19 3.24 -0.36
C CYS B 111 10.10 3.87 -1.19
N SER B 112 8.97 4.12 -0.56
CA SER B 112 7.89 4.85 -1.25
C SER B 112 8.27 6.29 -1.42
N THR B 113 7.77 6.91 -2.47
CA THR B 113 8.06 8.33 -2.64
C THR B 113 7.43 9.14 -1.51
N THR B 114 6.28 8.69 -0.99
CA THR B 114 5.61 9.29 0.14
C THR B 114 6.52 9.32 1.40
N ASN B 115 7.11 8.16 1.74
CA ASN B 115 7.93 8.09 2.92
C ASN B 115 9.19 8.98 2.80
N TYR B 116 9.82 8.95 1.64
CA TYR B 116 10.90 9.89 1.31
C TYR B 116 10.50 11.38 1.46
N PHE B 117 9.44 11.78 0.77
CA PHE B 117 8.97 13.16 0.88
C PHE B 117 8.70 13.58 2.35
N VAL B 118 7.97 12.76 3.10
CA VAL B 118 7.59 13.13 4.45
C VAL B 118 8.81 13.09 5.37
N LEU B 119 9.61 12.02 5.32
CA LEU B 119 10.74 11.94 6.24
C LEU B 119 11.71 13.11 6.01
N GLN B 120 12.04 13.35 4.76
CA GLN B 120 13.01 14.40 4.49
C GLN B 120 12.45 15.79 4.85
N SER B 121 11.17 16.03 4.58
CA SER B 121 10.53 17.31 4.93
C SER B 121 10.55 17.58 6.44
N LEU B 122 10.16 16.57 7.21
CA LEU B 122 10.10 16.67 8.67
C LEU B 122 11.47 16.85 9.28
N LEU B 123 12.46 16.17 8.73
CA LEU B 123 13.85 16.32 9.15
C LEU B 123 14.37 17.74 8.88
N LYS B 124 14.03 18.30 7.74
N LYS B 124 14.05 18.31 7.72
CA LYS B 124 14.45 19.65 7.35
CA LYS B 124 14.44 19.70 7.39
C LYS B 124 13.71 20.72 8.16
C LYS B 124 13.71 20.71 8.23
N ILE B 125 12.39 20.56 8.33
CA ILE B 125 11.59 21.50 9.15
C ILE B 125 12.13 21.49 10.59
N ASN B 126 12.50 20.29 11.04
CA ASN B 126 13.21 20.08 12.28
C ASN B 126 12.48 20.57 13.51
N LYS B 127 11.18 20.33 13.54
CA LYS B 127 10.37 20.67 14.69
C LYS B 127 9.73 19.40 15.24
N ILE B 128 9.39 19.40 16.52
CA ILE B 128 8.56 18.32 17.05
C ILE B 128 7.21 18.36 16.39
N VAL B 129 6.71 17.18 16.03
CA VAL B 129 5.45 17.06 15.32
C VAL B 129 4.44 16.45 16.28
N GLN B 130 3.33 17.14 16.51
CA GLN B 130 2.21 16.56 17.27
C GLN B 130 1.46 15.56 16.39
N VAL B 131 1.14 14.41 16.96
CA VAL B 131 0.35 13.40 16.24
C VAL B 131 -1.00 13.17 16.90
N TYR B 132 -2.08 13.61 16.23
CA TYR B 132 -3.45 13.36 16.66
C TYR B 132 -4.00 12.13 15.98
N ALA B 133 -4.73 11.31 16.72
CA ALA B 133 -5.23 10.04 16.22
C ALA B 133 -6.70 9.80 16.55
N PHE B 134 -7.39 9.11 15.64
CA PHE B 134 -8.75 8.63 15.84
C PHE B 134 -8.76 7.14 15.50
N PHE B 135 -9.30 6.31 16.39
CA PHE B 135 -9.35 4.86 16.17
C PHE B 135 -10.80 4.42 15.88
N PRO B 136 -11.14 4.26 14.60
CA PRO B 136 -12.52 3.85 14.30
C PRO B 136 -12.89 2.51 14.91
N GLU B 137 -14.18 2.31 15.19
N GLU B 137 -14.17 2.32 15.20
CA GLU B 137 -14.64 1.03 15.67
CA GLU B 137 -14.68 1.02 15.65
C GLU B 137 -14.52 0.01 14.53
C GLU B 137 -14.52 0.01 14.52
N GLN B 138 -14.11 -1.20 14.89
CA GLN B 138 -13.88 -2.27 13.97
C GLN B 138 -15.09 -3.21 13.94
N PRO B 139 -15.65 -3.45 12.75
CA PRO B 139 -16.75 -4.40 12.59
C PRO B 139 -16.31 -5.86 12.71
N THR B 140 -17.26 -6.72 13.07
CA THR B 140 -17.01 -8.14 13.03
C THR B 140 -17.41 -8.62 11.64
N TYR B 141 -16.60 -9.51 11.07
CA TYR B 141 -16.89 -10.11 9.78
C TYR B 141 -16.55 -11.59 9.80
N THR B 142 -17.10 -12.32 8.83
CA THR B 142 -16.93 -13.76 8.75
C THR B 142 -16.19 -14.12 7.49
N LEU B 143 -15.32 -15.12 7.59
CA LEU B 143 -14.62 -15.66 6.44
C LEU B 143 -14.41 -17.13 6.70
N PHE B 144 -15.04 -17.96 5.87
CA PHE B 144 -14.89 -19.40 5.96
C PHE B 144 -15.34 -19.95 7.30
N GLY B 145 -16.51 -19.49 7.75
CA GLY B 145 -17.09 -19.95 9.00
C GLY B 145 -16.25 -19.60 10.22
N LYS B 146 -15.46 -18.54 10.11
CA LYS B 146 -14.69 -18.03 11.26
C LYS B 146 -14.86 -16.52 11.32
N THR B 147 -14.96 -15.98 12.52
CA THR B 147 -15.25 -14.57 12.72
C THR B 147 -13.96 -13.81 13.05
N TYR B 148 -13.88 -12.60 12.51
CA TYR B 148 -12.74 -11.73 12.71
C TYR B 148 -13.23 -10.37 13.15
N GLN B 149 -12.45 -9.71 13.98
CA GLN B 149 -12.63 -8.29 14.24
C GLN B 149 -11.27 -7.64 14.35
N ASP B 150 -10.92 -6.84 13.35
CA ASP B 150 -9.57 -6.26 13.28
C ASP B 150 -9.54 -5.09 12.33
N SER B 151 -8.33 -4.60 12.05
CA SER B 151 -8.15 -3.38 11.29
C SER B 151 -8.01 -3.62 9.78
N PHE B 152 -8.06 -4.87 9.35
CA PHE B 152 -7.76 -5.22 7.96
C PHE B 152 -9.01 -5.08 7.10
N SER B 153 -8.83 -4.77 5.83
CA SER B 153 -9.92 -4.98 4.88
C SER B 153 -10.25 -6.48 4.82
N THR B 154 -11.45 -6.83 4.38
N THR B 154 -11.44 -6.83 4.36
CA THR B 154 -11.80 -8.25 4.24
CA THR B 154 -11.82 -8.21 4.23
C THR B 154 -10.94 -8.95 3.21
C THR B 154 -10.96 -8.95 3.20
N SER B 155 -10.59 -8.28 2.12
CA SER B 155 -9.72 -8.90 1.10
C SER B 155 -8.34 -9.17 1.65
N LYS B 156 -7.80 -8.23 2.42
CA LYS B 156 -6.46 -8.43 2.99
C LYS B 156 -6.48 -9.57 4.03
N ARG B 157 -7.49 -9.59 4.88
CA ARG B 157 -7.61 -10.66 5.86
C ARG B 157 -7.80 -12.02 5.17
N ALA B 158 -8.71 -12.09 4.19
CA ALA B 158 -8.94 -13.33 3.43
C ALA B 158 -7.65 -13.86 2.79
N GLU B 159 -6.87 -12.97 2.21
CA GLU B 159 -5.64 -13.34 1.56
C GLU B 159 -4.62 -13.92 2.54
N ASN B 160 -4.56 -13.28 3.70
CA ASN B 160 -3.71 -13.70 4.81
C ASN B 160 -4.04 -15.12 5.29
N VAL B 161 -5.32 -15.41 5.51
CA VAL B 161 -5.75 -16.75 5.92
C VAL B 161 -5.41 -17.78 4.85
N ILE B 162 -5.76 -17.47 3.61
CA ILE B 162 -5.50 -18.34 2.47
C ILE B 162 -4.00 -18.60 2.29
N LEU B 163 -3.19 -17.55 2.36
CA LEU B 163 -1.75 -17.74 2.20
C LEU B 163 -1.14 -18.57 3.36
N GLU B 164 -1.65 -18.39 4.58
N GLU B 164 -1.60 -18.38 4.59
CA GLU B 164 -1.16 -19.13 5.73
CA GLU B 164 -1.01 -19.14 5.71
C GLU B 164 -1.47 -20.61 5.58
C GLU B 164 -1.44 -20.60 5.68
N ASN B 165 -2.71 -20.89 5.19
N ASN B 165 -2.64 -20.85 5.18
CA ASN B 165 -3.15 -22.24 4.88
CA ASN B 165 -3.06 -22.23 4.95
C ASN B 165 -2.28 -22.89 3.80
C ASN B 165 -2.33 -22.90 3.78
N PHE B 166 -2.02 -22.13 2.74
CA PHE B 166 -1.17 -22.57 1.64
C PHE B 166 0.21 -23.00 2.16
N ILE B 167 0.77 -22.17 3.01
CA ILE B 167 2.08 -22.45 3.61
C ILE B 167 2.05 -23.70 4.51
N LYS B 168 0.98 -23.84 5.29
CA LYS B 168 0.71 -25.06 6.06
C LYS B 168 0.62 -26.30 5.17
N ASN B 169 -0.14 -26.20 4.07
CA ASN B 169 -0.33 -27.34 3.20
C ASN B 169 0.89 -27.66 2.36
N HIS B 170 1.62 -26.63 1.92
CA HIS B 170 2.66 -26.79 0.89
C HIS B 170 4.07 -26.42 1.33
N ASN B 171 4.18 -25.84 2.51
CA ASN B 171 5.48 -25.54 3.20
C ASN B 171 6.20 -24.26 2.75
N LYS B 172 5.52 -23.42 1.98
CA LYS B 172 6.17 -22.27 1.41
C LYS B 172 5.10 -21.45 0.75
N LYS B 173 5.44 -20.24 0.34
CA LYS B 173 4.55 -19.39 -0.43
C LYS B 173 4.85 -19.59 -1.93
N PRO B 174 3.92 -19.18 -2.81
CA PRO B 174 4.24 -19.18 -4.25
C PRO B 174 5.48 -18.33 -4.56
N ILE B 175 6.23 -18.68 -5.59
CA ILE B 175 7.44 -17.95 -5.99
C ILE B 175 7.21 -16.42 -6.18
N GLY B 176 6.05 -16.03 -6.72
CA GLY B 176 5.71 -14.63 -6.94
C GLY B 176 5.36 -13.84 -5.68
N CYS B 177 5.25 -14.52 -4.53
CA CYS B 177 5.00 -13.87 -3.22
C CYS B 177 6.33 -13.71 -2.54
N THR B 178 6.94 -12.55 -2.78
CA THR B 178 8.35 -12.29 -2.53
C THR B 178 8.65 -12.21 -1.03
N GLN B 179 7.77 -11.54 -0.29
CA GLN B 179 7.98 -11.27 1.12
C GLN B 179 7.90 -12.55 1.92
N THR B 180 8.75 -12.64 2.94
CA THR B 180 8.78 -13.79 3.84
C THR B 180 7.55 -13.78 4.77
#